data_2J83
#
_entry.id   2J83
#
_cell.length_a   118.850
_cell.length_b   60.730
_cell.length_c   168.940
_cell.angle_alpha   90.00
_cell.angle_beta   90.00
_cell.angle_gamma   90.00
#
_symmetry.space_group_name_H-M   'C 2 2 21'
#
loop_
_entity.id
_entity.type
_entity.pdbx_description
1 polymer ULILYSIN
2 non-polymer 4-(N-HYDROXYAMINO)-2R-ISOBUTYL-2S-(2-THIENYLTHIOMETHYL)SUCCINYL-L-PHENYLALANINE-N-METHYLAMIDE
3 non-polymer 'CALCIUM ION'
4 non-polymer 'ZINC ION'
5 non-polymer GLYCEROL
6 water water
#
_entity_poly.entity_id   1
_entity_poly.type   'polypeptide(L)'
_entity_poly.pdbx_seq_one_letter_code
;RMEIVKIPVVVHVVWNEEEENISDAQIQSQIDILNKDFRKLNSDVSQVPSVWSNLIADLGIEFFLATKDPNGNQTTGITR
TQTSVTFFTTSDEVKFASSGGEDAWPADRYLNIWVCHVLKSEIGQDILGYAQFPGGPAETDGVVIVDAAFGTTGTALPPF
DKGRTATHEIGHWLNLYHIWGDELRFEDPCSRSDEVDDTPNQADPNFGAPSYPHVSCSNGPNGDMFMNYMDYVDDK
(CME)MVMFTQGQATRVNACLDGPRSSFLA
;
_entity_poly.pdbx_strand_id   A,B
#
# COMPACT_ATOMS: atom_id res chain seq x y z
N GLU A 3 -7.21 10.77 32.49
CA GLU A 3 -6.23 10.05 31.63
C GLU A 3 -6.57 10.17 30.14
N ILE A 4 -7.28 11.23 29.79
CA ILE A 4 -7.60 11.55 28.39
C ILE A 4 -6.33 11.91 27.64
N VAL A 5 -6.12 11.28 26.48
CA VAL A 5 -4.98 11.60 25.63
C VAL A 5 -5.42 12.68 24.64
N LYS A 6 -4.75 13.83 24.66
CA LYS A 6 -5.08 14.93 23.75
C LYS A 6 -4.02 15.05 22.65
N ILE A 7 -4.47 14.90 21.41
CA ILE A 7 -3.59 14.80 20.26
C ILE A 7 -3.64 16.08 19.40
N PRO A 8 -2.48 16.75 19.23
CA PRO A 8 -2.40 17.91 18.36
C PRO A 8 -2.53 17.51 16.89
N VAL A 9 -3.38 18.21 16.15
CA VAL A 9 -3.61 17.92 14.75
C VAL A 9 -3.13 19.08 13.87
N VAL A 10 -2.50 18.74 12.75
CA VAL A 10 -2.30 19.69 11.66
C VAL A 10 -3.03 19.18 10.41
N VAL A 11 -3.83 20.05 9.79
CA VAL A 11 -4.54 19.68 8.58
C VAL A 11 -3.83 20.33 7.40
N HIS A 12 -3.37 19.52 6.46
CA HIS A 12 -2.68 20.01 5.25
C HIS A 12 -3.67 19.98 4.09
N VAL A 13 -4.24 21.14 3.77
CA VAL A 13 -5.13 21.26 2.64
C VAL A 13 -4.26 21.46 1.39
N VAL A 14 -4.45 20.57 0.42
CA VAL A 14 -3.71 20.61 -0.84
C VAL A 14 -4.76 20.80 -1.92
N TRP A 15 -4.70 21.94 -2.61
CA TRP A 15 -5.76 22.33 -3.54
C TRP A 15 -5.23 22.70 -4.93
N ASN A 16 -5.97 22.28 -5.95
CA ASN A 16 -5.67 22.61 -7.34
C ASN A 16 -6.62 23.71 -7.82
N GLU A 17 -7.92 23.48 -7.62
CA GLU A 17 -8.95 24.49 -7.87
C GLU A 17 -9.37 25.12 -6.54
N GLU A 18 -9.74 26.40 -6.60
CA GLU A 18 -10.10 27.19 -5.42
C GLU A 18 -11.15 26.56 -4.51
N GLU A 19 -12.13 25.88 -5.10
CA GLU A 19 -13.22 25.24 -4.34
C GLU A 19 -12.72 24.13 -3.40
N GLU A 20 -11.59 23.53 -3.76
CA GLU A 20 -10.95 22.47 -2.97
C GLU A 20 -10.14 23.03 -1.78
N ASN A 21 -9.97 24.35 -1.73
CA ASN A 21 -9.28 25.01 -0.63
C ASN A 21 -10.32 25.26 0.47
N ILE A 22 -10.69 24.20 1.18
CA ILE A 22 -11.85 24.19 2.06
C ILE A 22 -11.72 25.13 3.27
N SER A 23 -12.85 25.65 3.72
CA SER A 23 -12.91 26.66 4.78
C SER A 23 -12.46 26.11 6.12
N ASP A 24 -12.01 27.01 6.99
CA ASP A 24 -11.81 26.70 8.41
C ASP A 24 -13.04 26.02 9.02
N ALA A 25 -14.22 26.52 8.72
CA ALA A 25 -15.47 25.97 9.26
C ALA A 25 -15.64 24.49 8.91
N GLN A 26 -15.36 24.14 7.66
CA GLN A 26 -15.43 22.74 7.24
C GLN A 26 -14.43 21.89 8.02
N ILE A 27 -13.19 22.38 8.13
CA ILE A 27 -12.16 21.65 8.87
C ILE A 27 -12.53 21.50 10.36
N GLN A 28 -12.96 22.59 11.00
CA GLN A 28 -13.36 22.56 12.42
C GLN A 28 -14.49 21.57 12.67
N SER A 29 -15.45 21.49 11.75
CA SER A 29 -16.57 20.57 11.89
C SER A 29 -16.09 19.10 11.94
N GLN A 30 -15.01 18.78 11.24
CA GLN A 30 -14.43 17.44 11.33
C GLN A 30 -13.79 17.20 12.70
N ILE A 31 -13.02 18.18 13.19
CA ILE A 31 -12.40 18.06 14.52
C ILE A 31 -13.47 17.80 15.59
N ASP A 32 -14.56 18.55 15.51
CA ASP A 32 -15.70 18.37 16.42
C ASP A 32 -16.28 16.95 16.41
N ILE A 33 -16.36 16.36 15.22
CA ILE A 33 -16.84 14.97 15.08
C ILE A 33 -15.89 13.99 15.75
N LEU A 34 -14.59 14.14 15.51
CA LEU A 34 -13.58 13.27 16.12
C LEU A 34 -13.67 13.31 17.66
N ASN A 35 -13.90 14.50 18.20
CA ASN A 35 -14.07 14.68 19.64
C ASN A 35 -15.35 14.05 20.22
N LYS A 36 -16.32 13.76 19.35
CA LYS A 36 -17.50 12.99 19.74
C LYS A 36 -17.23 11.48 19.61
N ASP A 37 -16.79 11.04 18.42
CA ASP A 37 -16.64 9.61 18.15
C ASP A 37 -15.61 8.91 19.04
N PHE A 38 -14.52 9.61 19.34
CA PHE A 38 -13.43 9.03 20.12
C PHE A 38 -13.63 9.16 21.63
N ARG A 39 -14.78 9.72 22.03
CA ARG A 39 -15.16 9.83 23.45
C ARG A 39 -16.52 9.18 23.76
N LYS A 40 -17.12 8.50 22.77
CA LYS A 40 -18.45 7.89 22.90
C LYS A 40 -19.49 8.96 23.25
N LEU A 41 -19.32 10.14 22.66
CA LEU A 41 -20.24 11.25 22.88
C LEU A 41 -21.11 11.52 21.65
N ASN A 42 -20.93 10.71 20.61
CA ASN A 42 -21.81 10.76 19.45
C ASN A 42 -23.20 10.26 19.84
N SER A 43 -24.22 11.06 19.55
CA SER A 43 -25.59 10.71 19.95
C SER A 43 -26.13 9.47 19.24
N ASP A 44 -25.64 9.21 18.02
CA ASP A 44 -26.12 8.04 17.27
C ASP A 44 -25.59 6.71 17.79
N VAL A 45 -24.87 6.75 18.90
CA VAL A 45 -24.46 5.55 19.61
C VAL A 45 -25.69 4.73 20.06
N SER A 46 -26.84 5.40 20.12
CA SER A 46 -28.13 4.75 20.37
C SER A 46 -28.52 3.74 19.29
N GLN A 47 -27.80 3.75 18.16
CA GLN A 47 -28.05 2.81 17.05
C GLN A 47 -27.46 1.40 17.28
N VAL A 48 -26.66 1.23 18.32
CA VAL A 48 -26.03 -0.06 18.60
C VAL A 48 -27.06 -1.11 19.07
N PRO A 49 -27.10 -2.28 18.41
CA PRO A 49 -28.00 -3.36 18.83
C PRO A 49 -27.82 -3.68 20.32
N SER A 50 -28.92 -3.97 21.00
CA SER A 50 -28.90 -4.23 22.43
C SER A 50 -27.93 -5.36 22.80
N VAL A 51 -27.79 -6.34 21.89
CA VAL A 51 -26.87 -7.47 22.11
C VAL A 51 -25.41 -7.05 22.30
N TRP A 52 -25.05 -5.88 21.74
CA TRP A 52 -23.68 -5.36 21.83
C TRP A 52 -23.55 -4.06 22.62
N SER A 53 -24.65 -3.63 23.25
CA SER A 53 -24.64 -2.31 23.90
C SER A 53 -23.67 -2.21 25.09
N ASN A 54 -23.23 -3.35 25.63
CA ASN A 54 -22.23 -3.35 26.70
C ASN A 54 -20.77 -3.38 26.19
N LEU A 55 -20.60 -3.44 24.87
CA LEU A 55 -19.27 -3.55 24.23
C LEU A 55 -18.72 -2.21 23.73
N ILE A 56 -19.57 -1.18 23.71
CA ILE A 56 -19.20 0.14 23.18
C ILE A 56 -18.11 0.77 24.03
N ALA A 57 -17.09 1.30 23.36
CA ALA A 57 -15.92 1.87 24.03
C ALA A 57 -15.85 3.38 23.94
N ASP A 58 -15.37 3.99 25.02
CA ASP A 58 -14.93 5.38 25.05
C ASP A 58 -13.41 5.29 24.90
N LEU A 59 -12.90 5.69 23.74
CA LEU A 59 -11.47 5.54 23.47
C LEU A 59 -10.59 6.45 24.34
N GLY A 60 -11.19 7.49 24.91
CA GLY A 60 -10.50 8.41 25.80
C GLY A 60 -9.45 9.23 25.07
N ILE A 61 -9.77 9.61 23.83
CA ILE A 61 -8.87 10.41 23.00
C ILE A 61 -9.59 11.67 22.51
N GLU A 62 -8.92 12.82 22.63
CA GLU A 62 -9.45 14.08 22.05
C GLU A 62 -8.43 14.73 21.12
N PHE A 63 -8.93 15.63 20.27
CA PHE A 63 -8.13 16.21 19.20
C PHE A 63 -8.30 17.72 19.20
N PHE A 64 -7.21 18.42 18.92
CA PHE A 64 -7.26 19.87 18.76
C PHE A 64 -6.34 20.32 17.64
N LEU A 65 -6.76 21.34 16.91
CA LEU A 65 -5.90 21.94 15.90
C LEU A 65 -4.71 22.58 16.61
N ALA A 66 -3.50 22.21 16.20
CA ALA A 66 -2.27 22.69 16.83
C ALA A 66 -2.24 24.21 16.89
N THR A 67 -1.71 24.72 18.00
CA THR A 67 -1.56 26.16 18.18
C THR A 67 -0.10 26.57 18.02
N LYS A 68 0.80 25.59 18.04
CA LYS A 68 2.21 25.86 17.80
C LYS A 68 2.81 24.94 16.74
N ASP A 69 3.56 25.55 15.83
CA ASP A 69 4.12 24.81 14.70
C ASP A 69 5.41 24.13 15.15
N PRO A 70 6.04 23.33 14.27
CA PRO A 70 7.24 22.60 14.71
C PRO A 70 8.42 23.46 15.19
N ASN A 71 8.38 24.77 14.92
CA ASN A 71 9.41 25.70 15.39
C ASN A 71 9.02 26.48 16.65
N GLY A 72 7.78 26.28 17.11
CA GLY A 72 7.28 26.98 18.29
C GLY A 72 6.58 28.29 17.98
N ASN A 73 6.40 28.58 16.71
CA ASN A 73 5.67 29.79 16.32
C ASN A 73 4.18 29.50 16.32
N GLN A 74 3.35 30.52 16.55
CA GLN A 74 1.90 30.33 16.53
C GLN A 74 1.41 29.85 15.16
N THR A 75 0.40 28.98 15.18
CA THR A 75 -0.22 28.46 13.95
C THR A 75 -1.72 28.31 14.17
N THR A 76 -2.47 28.28 13.07
CA THR A 76 -3.90 27.96 13.13
C THR A 76 -4.11 26.44 13.13
N GLY A 77 -3.04 25.70 12.85
CA GLY A 77 -3.10 24.24 12.77
C GLY A 77 -3.53 23.76 11.40
N ILE A 78 -3.59 24.69 10.45
CA ILE A 78 -3.99 24.39 9.07
C ILE A 78 -2.97 24.96 8.09
N THR A 79 -2.38 24.09 7.28
CA THR A 79 -1.59 24.58 6.14
C THR A 79 -2.41 24.50 4.87
N ARG A 80 -2.09 25.36 3.90
CA ARG A 80 -2.81 25.42 2.63
C ARG A 80 -1.83 25.54 1.46
N THR A 81 -1.84 24.54 0.59
CA THR A 81 -0.80 24.41 -0.43
C THR A 81 -1.44 24.25 -1.79
N GLN A 82 -1.17 25.20 -2.68
CA GLN A 82 -1.68 25.12 -4.05
C GLN A 82 -0.84 24.12 -4.84
N THR A 83 -1.49 23.33 -5.67
CA THR A 83 -0.81 22.32 -6.47
C THR A 83 -1.30 22.33 -7.92
N SER A 84 -0.44 21.88 -8.85
CA SER A 84 -0.87 21.65 -10.22
C SER A 84 -1.32 20.19 -10.42
N VAL A 85 -1.11 19.36 -9.41
CA VAL A 85 -1.50 17.95 -9.46
C VAL A 85 -3.02 17.81 -9.35
N THR A 86 -3.59 16.93 -10.18
CA THR A 86 -5.06 16.79 -10.26
C THR A 86 -5.63 15.60 -9.48
N PHE A 87 -4.78 14.61 -9.18
CA PHE A 87 -5.15 13.52 -8.28
C PHE A 87 -3.92 12.94 -7.57
N PHE A 88 -4.17 12.39 -6.39
CA PHE A 88 -3.14 11.76 -5.58
C PHE A 88 -3.50 10.29 -5.38
N THR A 89 -2.53 9.48 -4.98
CA THR A 89 -2.75 8.04 -4.83
C THR A 89 -2.21 7.53 -3.51
N THR A 90 -2.41 6.24 -3.26
CA THR A 90 -1.91 5.59 -2.05
C THR A 90 -0.39 5.53 -2.03
N SER A 91 0.27 5.96 -3.10
CA SER A 91 1.73 6.00 -3.15
C SER A 91 2.33 7.22 -2.41
N ASP A 92 1.46 8.05 -1.80
CA ASP A 92 1.89 9.12 -0.88
C ASP A 92 2.43 10.40 -1.54
N GLU A 93 2.06 10.68 -2.79
CA GLU A 93 2.50 11.91 -3.45
C GLU A 93 2.05 13.17 -2.68
N VAL A 94 0.90 13.08 -2.01
CA VAL A 94 0.35 14.21 -1.24
C VAL A 94 1.21 14.58 -0.01
N LYS A 95 2.09 13.66 0.39
CA LYS A 95 2.84 13.84 1.64
C LYS A 95 4.24 14.47 1.46
N PHE A 96 4.58 14.84 0.22
CA PHE A 96 5.87 15.47 -0.09
C PHE A 96 5.64 16.70 -0.97
N ALA A 97 6.26 17.81 -0.59
CA ALA A 97 6.20 19.04 -1.39
C ALA A 97 6.75 18.79 -2.80
N SER A 98 7.79 17.95 -2.89
CA SER A 98 8.45 17.66 -4.16
C SER A 98 7.56 16.96 -5.19
N SER A 99 6.52 16.27 -4.72
CA SER A 99 5.58 15.60 -5.60
C SER A 99 4.21 16.32 -5.65
N GLY A 100 4.22 17.60 -5.29
CA GLY A 100 3.03 18.47 -5.44
C GLY A 100 2.09 18.47 -4.24
N GLY A 101 2.55 17.91 -3.13
CA GLY A 101 1.77 17.86 -1.89
C GLY A 101 2.40 18.75 -0.83
N GLU A 102 2.45 18.27 0.40
CA GLU A 102 2.97 19.04 1.54
C GLU A 102 3.67 18.11 2.54
N ASP A 103 4.88 18.49 2.96
CA ASP A 103 5.66 17.68 3.91
C ASP A 103 4.96 17.47 5.25
N ALA A 104 5.18 16.31 5.86
CA ALA A 104 4.66 16.01 7.18
C ALA A 104 5.36 16.84 8.26
N TRP A 105 4.61 17.22 9.28
CA TRP A 105 5.15 17.76 10.53
C TRP A 105 5.63 16.58 11.40
N PRO A 106 6.54 16.82 12.37
CA PRO A 106 7.06 15.72 13.20
C PRO A 106 5.96 14.81 13.73
N ALA A 107 6.02 13.54 13.30
CA ALA A 107 4.95 12.56 13.58
C ALA A 107 4.85 12.15 15.04
N ASP A 108 5.91 12.40 15.81
CA ASP A 108 5.87 12.08 17.25
C ASP A 108 5.19 13.19 18.06
N ARG A 109 4.86 14.30 17.41
CA ARG A 109 4.25 15.44 18.09
C ARG A 109 2.88 15.84 17.53
N TYR A 110 2.60 15.46 16.28
CA TYR A 110 1.36 15.82 15.59
C TYR A 110 0.75 14.64 14.86
N LEU A 111 -0.58 14.64 14.77
CA LEU A 111 -1.28 13.82 13.80
C LEU A 111 -1.44 14.66 12.53
N ASN A 112 -0.80 14.21 11.45
CA ASN A 112 -0.94 14.85 10.15
C ASN A 112 -2.18 14.36 9.44
N ILE A 113 -3.03 15.29 9.02
CA ILE A 113 -4.16 14.98 8.15
C ILE A 113 -4.01 15.77 6.85
N TRP A 114 -3.87 15.05 5.73
CA TRP A 114 -3.87 15.68 4.42
C TRP A 114 -5.27 15.64 3.85
N VAL A 115 -5.70 16.75 3.24
CA VAL A 115 -6.98 16.81 2.54
C VAL A 115 -6.74 17.23 1.07
N CYS A 116 -7.19 16.40 0.13
CA CYS A 116 -7.07 16.70 -1.30
C CYS A 116 -8.38 16.36 -2.01
N HIS A 117 -8.50 16.72 -3.28
CA HIS A 117 -9.77 16.57 -3.98
C HIS A 117 -10.05 15.14 -4.48
N VAL A 118 -9.02 14.50 -5.04
CA VAL A 118 -9.19 13.18 -5.67
C VAL A 118 -8.11 12.22 -5.20
N LEU A 119 -8.53 11.03 -4.78
CA LEU A 119 -7.63 9.95 -4.36
C LEU A 119 -7.93 8.67 -5.10
N LYS A 120 -6.88 7.96 -5.51
CA LYS A 120 -7.02 6.69 -6.20
C LYS A 120 -6.12 5.62 -5.60
N SER A 121 -6.55 4.36 -5.71
CA SER A 121 -5.66 3.24 -5.41
C SER A 121 -4.65 3.07 -6.54
N GLU A 122 -3.68 2.17 -6.35
CA GLU A 122 -2.65 1.91 -7.36
C GLU A 122 -3.22 1.51 -8.72
N ILE A 123 -4.34 0.81 -8.70
CA ILE A 123 -4.99 0.34 -9.93
C ILE A 123 -6.14 1.24 -10.39
N GLY A 124 -6.20 2.45 -9.83
CA GLY A 124 -7.11 3.48 -10.31
C GLY A 124 -8.52 3.46 -9.73
N GLN A 125 -8.71 2.72 -8.64
CA GLN A 125 -9.99 2.74 -7.91
C GLN A 125 -10.14 4.05 -7.15
N ASP A 126 -11.29 4.69 -7.29
CA ASP A 126 -11.61 5.90 -6.52
C ASP A 126 -11.77 5.57 -5.02
N ILE A 127 -11.07 6.32 -4.17
CA ILE A 127 -11.16 6.11 -2.73
C ILE A 127 -11.38 7.44 -2.00
N LEU A 128 -11.88 7.35 -0.77
CA LEU A 128 -12.18 8.55 0.02
C LEU A 128 -11.07 8.88 1.01
N GLY A 129 -10.19 7.92 1.26
CA GLY A 129 -9.16 8.09 2.27
C GLY A 129 -8.28 6.88 2.49
N TYR A 130 -7.15 7.09 3.15
CA TYR A 130 -6.24 6.00 3.51
C TYR A 130 -5.34 6.45 4.66
N ALA A 131 -4.81 5.47 5.37
CA ALA A 131 -4.07 5.68 6.60
C ALA A 131 -2.71 5.02 6.52
N GLN A 132 -1.81 5.44 7.40
CA GLN A 132 -0.59 4.68 7.67
C GLN A 132 -0.66 4.13 9.08
N PHE A 133 -0.47 2.82 9.20
CA PHE A 133 -0.44 2.12 10.50
C PHE A 133 0.77 2.56 11.33
N PRO A 134 0.71 2.35 12.67
CA PRO A 134 1.88 2.74 13.48
C PRO A 134 3.13 1.96 13.09
N GLY A 135 4.30 2.56 13.30
CA GLY A 135 5.58 1.90 13.04
C GLY A 135 6.26 2.29 11.74
N GLY A 136 5.50 2.91 10.82
CA GLY A 136 6.03 3.31 9.50
C GLY A 136 6.92 4.53 9.61
N PRO A 137 7.41 5.05 8.46
CA PRO A 137 8.32 6.19 8.55
C PRO A 137 7.55 7.46 8.90
N ALA A 138 8.17 8.31 9.71
CA ALA A 138 7.57 9.59 10.11
C ALA A 138 7.18 10.44 8.91
N GLU A 139 7.98 10.36 7.84
CA GLU A 139 7.80 11.15 6.62
C GLU A 139 6.40 11.04 6.01
N THR A 140 5.78 9.86 6.17
CA THR A 140 4.45 9.61 5.59
C THR A 140 3.38 9.23 6.61
N ASP A 141 3.65 9.52 7.88
CA ASP A 141 2.71 9.16 8.96
C ASP A 141 1.51 10.09 9.00
N GLY A 142 0.32 9.51 9.18
CA GLY A 142 -0.91 10.27 9.26
C GLY A 142 -2.03 9.69 8.41
N VAL A 143 -3.03 10.51 8.12
CA VAL A 143 -4.19 10.08 7.35
C VAL A 143 -4.48 11.04 6.22
N VAL A 144 -5.13 10.54 5.18
CA VAL A 144 -5.51 11.33 4.01
C VAL A 144 -7.00 11.11 3.76
N ILE A 145 -7.76 12.20 3.60
CA ILE A 145 -9.22 12.13 3.34
C ILE A 145 -9.54 13.13 2.25
N VAL A 146 -10.37 12.75 1.27
CA VAL A 146 -10.80 13.71 0.24
C VAL A 146 -11.76 14.76 0.82
N ASP A 147 -11.75 15.96 0.24
CA ASP A 147 -12.49 17.08 0.82
C ASP A 147 -14.00 16.89 0.84
N ALA A 148 -14.56 16.18 -0.14
CA ALA A 148 -16.00 15.92 -0.19
C ALA A 148 -16.45 14.84 0.83
N ALA A 149 -15.48 14.27 1.55
CA ALA A 149 -15.73 13.30 2.61
C ALA A 149 -15.16 13.76 3.97
N PHE A 150 -14.95 15.07 4.11
CA PHE A 150 -14.28 15.66 5.28
C PHE A 150 -15.17 16.74 5.86
N GLY A 151 -15.54 16.59 7.13
CA GLY A 151 -16.40 17.57 7.81
C GLY A 151 -17.87 17.40 7.49
N THR A 152 -18.69 18.34 7.97
CA THR A 152 -20.15 18.22 7.88
C THR A 152 -20.78 19.43 7.22
N THR A 153 -19.97 20.20 6.50
CA THR A 153 -20.42 21.43 5.85
C THR A 153 -19.51 21.69 4.65
N GLY A 154 -19.74 22.79 3.94
CA GLY A 154 -18.89 23.16 2.82
C GLY A 154 -19.04 22.20 1.66
N THR A 155 -17.94 21.56 1.29
CA THR A 155 -17.89 20.64 0.14
C THR A 155 -18.31 19.20 0.48
N ALA A 156 -18.50 18.90 1.77
CA ALA A 156 -18.91 17.55 2.17
C ALA A 156 -20.24 17.15 1.55
N LEU A 157 -20.30 15.93 1.05
CA LEU A 157 -21.47 15.43 0.34
C LEU A 157 -21.98 14.12 0.91
N PRO A 158 -23.30 13.99 1.09
CA PRO A 158 -23.86 12.72 1.56
C PRO A 158 -23.59 11.61 0.53
N PRO A 159 -23.42 10.35 0.98
CA PRO A 159 -23.57 9.89 2.36
C PRO A 159 -22.31 10.02 3.21
N PHE A 160 -21.31 10.76 2.73
CA PHE A 160 -20.04 10.89 3.46
C PHE A 160 -19.88 12.29 4.06
N ASP A 161 -20.97 12.80 4.62
CA ASP A 161 -21.06 14.15 5.17
C ASP A 161 -21.26 14.19 6.69
N LYS A 162 -20.82 13.14 7.38
CA LYS A 162 -20.93 13.08 8.84
C LYS A 162 -19.60 12.87 9.56
N GLY A 163 -18.49 12.94 8.82
CA GLY A 163 -17.14 12.95 9.41
C GLY A 163 -16.54 11.59 9.74
N ARG A 164 -17.17 10.52 9.25
CA ARG A 164 -16.76 9.17 9.66
C ARG A 164 -15.60 8.56 8.87
N THR A 165 -15.29 9.11 7.70
CA THR A 165 -14.13 8.64 6.93
C THR A 165 -12.86 8.88 7.74
N ALA A 166 -12.75 10.08 8.31
CA ALA A 166 -11.63 10.42 9.17
C ALA A 166 -11.61 9.55 10.43
N THR A 167 -12.76 9.30 11.03
CA THR A 167 -12.83 8.41 12.20
C THR A 167 -12.27 7.00 11.88
N HIS A 168 -12.71 6.45 10.75
CA HIS A 168 -12.24 5.18 10.20
C HIS A 168 -10.72 5.18 9.94
N GLU A 169 -10.21 6.22 9.26
CA GLU A 169 -8.77 6.29 8.98
C GLU A 169 -7.93 6.44 10.25
N ILE A 170 -8.43 7.23 11.20
CA ILE A 170 -7.71 7.39 12.48
C ILE A 170 -7.79 6.10 13.31
N GLY A 171 -8.83 5.31 13.08
CA GLY A 171 -8.89 3.95 13.60
C GLY A 171 -7.68 3.15 13.15
N HIS A 172 -7.40 3.18 11.85
CA HIS A 172 -6.20 2.53 11.28
C HIS A 172 -4.90 3.09 11.87
N TRP A 173 -4.83 4.42 11.95
CA TRP A 173 -3.68 5.13 12.53
C TRP A 173 -3.39 4.63 13.94
N LEU A 174 -4.44 4.20 14.65
CA LEU A 174 -4.32 3.69 16.01
C LEU A 174 -4.23 2.16 16.08
N ASN A 175 -4.02 1.55 14.91
CA ASN A 175 -3.71 0.11 14.78
C ASN A 175 -4.93 -0.82 14.68
N LEU A 176 -6.06 -0.28 14.25
CA LEU A 176 -7.26 -1.10 14.02
C LEU A 176 -7.37 -1.56 12.58
N TYR A 177 -7.83 -2.80 12.39
CA TYR A 177 -8.01 -3.38 11.07
C TYR A 177 -9.48 -3.39 10.64
N HIS A 178 -9.69 -3.44 9.33
CA HIS A 178 -11.02 -3.69 8.79
C HIS A 178 -11.66 -4.90 9.49
N ILE A 179 -12.90 -4.72 9.93
CA ILE A 179 -13.62 -5.70 10.73
C ILE A 179 -13.76 -7.08 10.05
N TRP A 180 -13.90 -7.09 8.73
CA TRP A 180 -14.12 -8.33 7.97
C TRP A 180 -12.85 -9.14 7.70
N GLY A 181 -11.67 -8.60 8.02
CA GLY A 181 -10.42 -9.35 7.90
C GLY A 181 -9.59 -9.19 6.63
N ASP A 182 -10.07 -8.42 5.65
CA ASP A 182 -9.31 -8.11 4.43
C ASP A 182 -8.85 -9.31 3.60
N GLU A 183 -9.71 -10.32 3.48
CA GLU A 183 -9.40 -11.44 2.61
C GLU A 183 -9.15 -10.97 1.18
N LEU A 184 -8.24 -11.67 0.50
CA LEU A 184 -8.05 -11.48 -0.93
C LEU A 184 -8.99 -12.46 -1.65
N ARG A 185 -9.25 -12.21 -2.93
CA ARG A 185 -10.33 -12.90 -3.66
C ARG A 185 -10.17 -14.43 -3.71
N PHE A 186 -8.94 -14.91 -3.57
CA PHE A 186 -8.69 -16.35 -3.61
C PHE A 186 -8.87 -17.02 -2.24
N GLU A 187 -9.11 -16.22 -1.21
CA GLU A 187 -9.24 -16.74 0.15
C GLU A 187 -10.69 -16.95 0.56
N ASP A 188 -10.91 -17.95 1.40
CA ASP A 188 -12.21 -18.19 2.05
C ASP A 188 -12.62 -16.91 2.78
N PRO A 189 -13.85 -16.42 2.53
CA PRO A 189 -14.27 -15.12 3.09
C PRO A 189 -14.36 -15.10 4.61
N CYS A 190 -14.33 -16.28 5.23
CA CYS A 190 -14.47 -16.38 6.69
C CYS A 190 -13.18 -16.73 7.40
N SER A 191 -12.06 -16.72 6.66
CA SER A 191 -10.80 -17.24 7.16
C SER A 191 -9.91 -16.25 7.92
N ARG A 192 -10.03 -14.96 7.61
CA ARG A 192 -9.14 -13.97 8.23
C ARG A 192 -9.74 -13.24 9.43
N SER A 193 -8.86 -12.76 10.31
CA SER A 193 -9.28 -12.11 11.53
C SER A 193 -8.86 -10.64 11.59
N ASP A 194 -9.67 -9.81 12.25
CA ASP A 194 -9.27 -8.43 12.57
C ASP A 194 -8.53 -8.35 13.92
N GLU A 195 -8.25 -9.51 14.51
CA GLU A 195 -7.49 -9.62 15.76
C GLU A 195 -8.23 -9.10 16.99
N VAL A 196 -9.55 -8.95 16.87
CA VAL A 196 -10.38 -8.51 17.99
C VAL A 196 -11.47 -9.54 18.24
N ASP A 197 -11.53 -10.06 19.47
CA ASP A 197 -12.48 -11.10 19.85
C ASP A 197 -13.95 -10.66 19.83
N ASP A 198 -14.22 -9.42 20.25
CA ASP A 198 -15.61 -8.98 20.42
C ASP A 198 -16.24 -8.36 19.17
N THR A 199 -15.48 -8.34 18.08
CA THR A 199 -16.04 -8.07 16.76
C THR A 199 -16.32 -9.43 16.10
N PRO A 200 -17.60 -9.73 15.85
CA PRO A 200 -17.96 -11.03 15.28
C PRO A 200 -17.21 -11.31 13.98
N ASN A 201 -16.89 -12.58 13.73
CA ASN A 201 -16.33 -12.99 12.46
C ASN A 201 -17.31 -12.58 11.34
N GLN A 202 -16.76 -12.07 10.24
CA GLN A 202 -17.54 -11.41 9.19
C GLN A 202 -16.91 -11.71 7.84
N ALA A 203 -17.76 -11.97 6.85
CA ALA A 203 -17.28 -12.35 5.53
C ALA A 203 -16.59 -11.19 4.83
N ASP A 204 -17.41 -10.25 4.36
CA ASP A 204 -16.99 -9.16 3.50
C ASP A 204 -17.33 -7.80 4.13
N PRO A 205 -16.78 -6.71 3.57
CA PRO A 205 -17.22 -5.37 3.96
C PRO A 205 -18.70 -5.18 3.64
N ASN A 206 -19.39 -4.39 4.47
CA ASN A 206 -20.75 -3.96 4.18
C ASN A 206 -20.72 -2.52 3.71
N PHE A 207 -21.46 -2.23 2.64
CA PHE A 207 -21.56 -0.91 2.08
C PHE A 207 -22.96 -0.38 2.32
N GLY A 208 -23.13 0.93 2.12
CA GLY A 208 -24.45 1.53 2.12
C GLY A 208 -25.10 1.50 3.48
N ALA A 209 -26.40 1.22 3.52
CA ALA A 209 -27.16 1.21 4.76
C ALA A 209 -27.84 -0.15 5.05
N PRO A 210 -27.07 -1.13 5.54
CA PRO A 210 -27.61 -2.47 5.77
C PRO A 210 -28.69 -2.49 6.84
N SER A 211 -29.57 -3.47 6.78
CA SER A 211 -30.55 -3.68 7.83
C SER A 211 -30.01 -4.68 8.85
N TYR A 212 -30.28 -4.42 10.13
CA TYR A 212 -29.87 -5.33 11.19
C TYR A 212 -30.95 -6.40 11.41
N PRO A 213 -30.56 -7.67 11.53
CA PRO A 213 -29.19 -8.16 11.41
C PRO A 213 -28.76 -8.48 9.97
N HIS A 214 -27.45 -8.37 9.72
CA HIS A 214 -26.86 -8.83 8.48
C HIS A 214 -25.88 -9.98 8.74
N VAL A 215 -26.37 -11.20 8.55
CA VAL A 215 -25.63 -12.40 8.91
C VAL A 215 -24.64 -12.83 7.83
N SER A 216 -23.44 -13.23 8.25
CA SER A 216 -22.44 -13.83 7.38
C SER A 216 -21.57 -14.74 8.23
N CYS A 217 -20.89 -15.70 7.61
CA CYS A 217 -19.95 -16.61 8.30
C CYS A 217 -20.56 -17.35 9.48
N SER A 218 -21.84 -17.71 9.35
CA SER A 218 -22.60 -18.38 10.41
C SER A 218 -22.59 -17.60 11.72
N ASN A 219 -22.62 -16.27 11.65
CA ASN A 219 -22.55 -15.44 12.86
C ASN A 219 -23.92 -15.01 13.41
N GLY A 220 -24.98 -15.68 12.92
CA GLY A 220 -26.34 -15.44 13.39
C GLY A 220 -26.59 -15.91 14.81
N PRO A 221 -27.65 -15.38 15.46
CA PRO A 221 -28.64 -14.46 14.89
C PRO A 221 -28.25 -12.97 14.87
N ASN A 222 -27.21 -12.59 15.58
CA ASN A 222 -26.81 -11.18 15.70
C ASN A 222 -26.20 -10.60 14.43
N GLY A 223 -25.43 -11.41 13.72
CA GLY A 223 -24.83 -11.01 12.45
C GLY A 223 -23.58 -10.14 12.55
N ASP A 224 -23.20 -9.53 11.41
CA ASP A 224 -22.07 -8.61 11.31
C ASP A 224 -22.29 -7.37 12.16
N MET A 225 -21.22 -6.91 12.80
CA MET A 225 -21.24 -5.62 13.50
C MET A 225 -20.93 -4.53 12.47
N PHE A 226 -21.85 -4.34 11.53
CA PHE A 226 -21.65 -3.41 10.43
C PHE A 226 -21.66 -1.94 10.86
N MET A 227 -22.15 -1.67 12.06
CA MET A 227 -22.16 -0.31 12.64
C MET A 227 -20.85 0.08 13.34
N ASN A 228 -19.83 -0.78 13.23
CA ASN A 228 -18.47 -0.46 13.67
C ASN A 228 -17.81 0.49 12.66
N TYR A 229 -17.03 1.45 13.15
CA TYR A 229 -16.35 2.40 12.25
C TYR A 229 -15.39 1.72 11.28
N MET A 230 -14.94 0.49 11.61
CA MET A 230 -13.98 -0.23 10.78
C MET A 230 -14.61 -1.17 9.74
N ASP A 231 -15.92 -1.01 9.53
CA ASP A 231 -16.59 -1.56 8.35
C ASP A 231 -16.63 -0.48 7.23
N TYR A 232 -17.40 -0.70 6.17
CA TYR A 232 -17.45 0.23 5.02
C TYR A 232 -18.82 0.88 4.78
N VAL A 233 -19.67 0.90 5.79
CA VAL A 233 -21.04 1.43 5.64
C VAL A 233 -21.03 2.95 5.53
N ASP A 234 -22.14 3.52 5.05
CA ASP A 234 -22.32 4.98 5.02
C ASP A 234 -22.08 5.60 6.40
N ASP A 235 -21.63 6.86 6.43
CA ASP A 235 -21.33 7.59 7.67
C ASP A 235 -22.41 7.47 8.75
N LYS A 236 -23.67 7.56 8.34
CA LYS A 236 -24.79 7.62 9.29
C LYS A 236 -25.03 6.26 9.98
N MET A 238 -22.35 3.99 10.80
CA MET A 238 -21.26 3.57 11.71
C MET A 238 -21.13 4.51 12.91
N VAL A 239 -21.13 3.93 14.11
CA VAL A 239 -21.40 4.68 15.33
C VAL A 239 -20.64 4.22 16.58
N MET A 240 -19.75 3.24 16.44
CA MET A 240 -19.08 2.68 17.63
C MET A 240 -17.74 2.02 17.36
N PHE A 241 -16.86 2.07 18.36
CA PHE A 241 -15.73 1.15 18.51
C PHE A 241 -16.08 0.19 19.66
N THR A 242 -15.50 -1.01 19.65
CA THR A 242 -15.68 -1.92 20.78
C THR A 242 -14.56 -1.77 21.81
N GLN A 243 -14.77 -2.38 22.98
CA GLN A 243 -13.75 -2.42 24.04
C GLN A 243 -12.55 -3.26 23.62
N GLY A 244 -12.79 -4.29 22.80
CA GLY A 244 -11.69 -5.09 22.25
C GLY A 244 -10.78 -4.27 21.37
N GLN A 245 -11.38 -3.41 20.55
CA GLN A 245 -10.65 -2.43 19.75
C GLN A 245 -9.92 -1.41 20.64
N ALA A 246 -10.51 -1.04 21.78
CA ALA A 246 -9.86 -0.10 22.71
C ALA A 246 -8.56 -0.66 23.27
N THR A 247 -8.54 -1.96 23.54
CA THR A 247 -7.33 -2.64 24.00
C THR A 247 -6.17 -2.47 23.01
N ARG A 248 -6.46 -2.61 21.71
CA ARG A 248 -5.47 -2.42 20.64
C ARG A 248 -4.99 -0.97 20.56
N VAL A 249 -5.94 -0.04 20.57
CA VAL A 249 -5.66 1.39 20.57
C VAL A 249 -4.77 1.80 21.76
N ASN A 250 -5.06 1.24 22.94
CA ASN A 250 -4.29 1.53 24.13
C ASN A 250 -2.87 0.99 24.04
N ALA A 251 -2.69 -0.17 23.42
CA ALA A 251 -1.36 -0.74 23.23
C ALA A 251 -0.54 0.09 22.24
N CYS A 252 -1.22 0.64 21.24
CA CYS A 252 -0.61 1.55 20.29
C CYS A 252 -0.14 2.84 21.01
N LEU A 253 -1.01 3.39 21.85
CA LEU A 253 -0.68 4.59 22.63
C LEU A 253 0.40 4.34 23.68
N ASP A 254 0.40 3.14 24.26
CA ASP A 254 1.43 2.78 25.25
C ASP A 254 2.76 2.36 24.63
N GLY A 255 2.74 2.08 23.33
CA GLY A 255 3.91 1.56 22.63
C GLY A 255 4.47 2.50 21.60
N PRO A 256 4.17 2.25 20.30
CA PRO A 256 4.74 2.99 19.18
C PRO A 256 4.38 4.48 19.15
N ARG A 257 3.22 4.82 19.73
CA ARG A 257 2.80 6.21 19.82
C ARG A 257 2.81 6.77 21.26
N SER A 258 3.72 6.26 22.10
CA SER A 258 3.83 6.72 23.49
C SER A 258 4.22 8.21 23.63
N SER A 259 4.86 8.77 22.60
CA SER A 259 5.25 10.18 22.59
C SER A 259 4.07 11.11 22.89
N PHE A 260 2.86 10.67 22.55
CA PHE A 260 1.64 11.45 22.74
C PHE A 260 1.09 11.44 24.17
N LEU A 261 1.67 10.58 25.02
CA LEU A 261 1.23 10.45 26.41
C LEU A 261 1.74 11.58 27.31
N GLU B 3 18.78 -0.67 -29.89
CA GLU B 3 17.93 0.27 -29.09
C GLU B 3 17.64 -0.25 -27.67
N ILE B 4 18.62 -0.95 -27.11
CA ILE B 4 18.55 -1.51 -25.76
C ILE B 4 18.62 -0.40 -24.71
N VAL B 5 17.68 -0.39 -23.78
CA VAL B 5 17.73 0.53 -22.64
C VAL B 5 18.57 -0.09 -21.52
N LYS B 6 19.57 0.65 -21.05
CA LYS B 6 20.44 0.17 -19.98
C LYS B 6 20.17 0.93 -18.68
N ILE B 7 19.66 0.21 -17.69
CA ILE B 7 19.22 0.80 -16.44
C ILE B 7 20.28 0.62 -15.35
N PRO B 8 20.81 1.74 -14.81
CA PRO B 8 21.75 1.65 -13.70
C PRO B 8 21.01 1.27 -12.44
N VAL B 9 21.58 0.36 -11.67
CA VAL B 9 20.94 -0.18 -10.48
C VAL B 9 21.80 0.11 -9.25
N VAL B 10 21.14 0.43 -8.14
CA VAL B 10 21.79 0.42 -6.82
C VAL B 10 21.00 -0.53 -5.92
N VAL B 11 21.74 -1.44 -5.28
CA VAL B 11 21.13 -2.37 -4.35
C VAL B 11 21.45 -1.94 -2.92
N HIS B 12 20.42 -1.62 -2.13
CA HIS B 12 20.58 -1.24 -0.74
C HIS B 12 20.32 -2.45 0.17
N VAL B 13 21.40 -3.07 0.63
CA VAL B 13 21.31 -4.17 1.59
C VAL B 13 21.13 -3.58 2.98
N VAL B 14 19.99 -3.88 3.61
CA VAL B 14 19.72 -3.46 4.99
C VAL B 14 19.74 -4.73 5.85
N TRP B 15 20.70 -4.81 6.78
CA TRP B 15 20.91 -6.05 7.54
C TRP B 15 20.88 -5.85 9.05
N ASN B 16 20.30 -6.80 9.76
CA ASN B 16 20.29 -6.82 11.22
C ASN B 16 21.31 -7.84 11.75
N GLU B 17 21.12 -9.10 11.35
CA GLU B 17 22.08 -10.18 11.63
C GLU B 17 23.06 -10.27 10.46
N GLU B 18 24.29 -10.71 10.72
CA GLU B 18 25.32 -10.71 9.67
C GLU B 18 25.01 -11.58 8.46
N GLU B 19 24.25 -12.66 8.66
CA GLU B 19 23.83 -13.55 7.57
C GLU B 19 22.98 -12.85 6.51
N GLU B 20 22.32 -11.78 6.91
CA GLU B 20 21.44 -11.00 6.03
C GLU B 20 22.24 -10.01 5.17
N ASN B 21 23.50 -9.80 5.54
CA ASN B 21 24.39 -8.91 4.80
C ASN B 21 24.94 -9.64 3.58
N ILE B 22 24.07 -9.86 2.60
CA ILE B 22 24.34 -10.83 1.52
C ILE B 22 25.56 -10.51 0.66
N SER B 23 26.17 -11.56 0.11
CA SER B 23 27.43 -11.44 -0.62
C SER B 23 27.27 -10.70 -1.95
N ASP B 24 28.39 -10.17 -2.44
CA ASP B 24 28.46 -9.59 -3.79
C ASP B 24 28.01 -10.59 -4.85
N ALA B 25 28.42 -11.85 -4.69
CA ALA B 25 28.06 -12.91 -5.63
C ALA B 25 26.55 -13.12 -5.72
N GLN B 26 25.88 -13.17 -4.57
CA GLN B 26 24.43 -13.36 -4.55
C GLN B 26 23.71 -12.22 -5.27
N ILE B 27 24.15 -11.00 -4.99
CA ILE B 27 23.61 -9.81 -5.61
C ILE B 27 23.88 -9.83 -7.12
N GLN B 28 25.11 -10.21 -7.49
CA GLN B 28 25.49 -10.28 -8.90
C GLN B 28 24.64 -11.30 -9.67
N SER B 29 24.34 -12.42 -9.02
CA SER B 29 23.53 -13.49 -9.62
C SER B 29 22.11 -13.00 -9.93
N GLN B 30 21.57 -12.11 -9.11
CA GLN B 30 20.28 -11.49 -9.43
C GLN B 30 20.35 -10.63 -10.69
N ILE B 31 21.40 -9.80 -10.78
CA ILE B 31 21.59 -8.94 -11.95
C ILE B 31 21.66 -9.78 -13.23
N ASP B 32 22.43 -10.88 -13.17
CA ASP B 32 22.54 -11.83 -14.28
C ASP B 32 21.17 -12.36 -14.74
N ILE B 33 20.31 -12.69 -13.79
CA ILE B 33 18.92 -13.14 -14.09
C ILE B 33 18.09 -12.08 -14.80
N LEU B 34 18.13 -10.84 -14.30
CA LEU B 34 17.43 -9.74 -14.94
C LEU B 34 17.87 -9.55 -16.39
N ASN B 35 19.18 -9.66 -16.63
CA ASN B 35 19.71 -9.50 -17.99
C ASN B 35 19.34 -10.65 -18.92
N LYS B 36 18.76 -11.70 -18.34
CA LYS B 36 18.23 -12.80 -19.13
C LYS B 36 16.72 -12.64 -19.35
N ASP B 37 15.97 -12.48 -18.26
CA ASP B 37 14.51 -12.41 -18.31
C ASP B 37 14.00 -11.25 -19.17
N PHE B 38 14.66 -10.09 -19.05
CA PHE B 38 14.27 -8.90 -19.80
C PHE B 38 14.84 -8.85 -21.22
N ARG B 39 15.60 -9.89 -21.60
CA ARG B 39 16.13 -10.02 -22.96
C ARG B 39 15.62 -11.26 -23.71
N LYS B 40 14.72 -12.02 -23.08
CA LYS B 40 14.23 -13.29 -23.66
C LYS B 40 15.40 -14.26 -23.82
N LEU B 41 16.36 -14.19 -22.90
CA LEU B 41 17.55 -15.04 -22.93
C LEU B 41 17.55 -16.13 -21.87
N ASN B 42 16.51 -16.16 -21.05
CA ASN B 42 16.33 -17.21 -20.06
C ASN B 42 16.11 -18.56 -20.76
N SER B 43 16.95 -19.54 -20.45
CA SER B 43 16.87 -20.85 -21.11
C SER B 43 15.51 -21.53 -20.93
N ASP B 44 14.83 -21.20 -19.83
CA ASP B 44 13.53 -21.82 -19.52
C ASP B 44 12.33 -21.18 -20.24
N VAL B 45 12.60 -20.21 -21.11
CA VAL B 45 11.58 -19.68 -22.01
C VAL B 45 11.04 -20.81 -22.92
N SER B 46 11.83 -21.86 -23.09
CA SER B 46 11.42 -23.06 -23.81
C SER B 46 10.19 -23.75 -23.18
N GLN B 47 9.93 -23.45 -21.90
CA GLN B 47 8.80 -24.05 -21.17
C GLN B 47 7.44 -23.48 -21.59
N VAL B 48 7.43 -22.32 -22.23
CA VAL B 48 6.18 -21.68 -22.65
C VAL B 48 5.46 -22.60 -23.63
N PRO B 49 4.17 -22.89 -23.39
CA PRO B 49 3.41 -23.72 -24.34
C PRO B 49 3.55 -23.13 -25.75
N SER B 50 3.85 -23.97 -26.73
CA SER B 50 4.15 -23.51 -28.09
C SER B 50 3.00 -22.67 -28.64
N VAL B 51 1.82 -22.94 -28.10
CA VAL B 51 0.57 -22.23 -28.35
C VAL B 51 0.68 -20.68 -28.30
N TRP B 52 1.62 -20.17 -27.50
CA TRP B 52 1.83 -18.74 -27.32
C TRP B 52 3.22 -18.27 -27.75
N SER B 53 3.95 -19.11 -28.49
CA SER B 53 5.31 -18.75 -28.89
C SER B 53 5.35 -17.42 -29.66
N ASN B 54 4.29 -17.14 -30.41
CA ASN B 54 4.17 -15.88 -31.15
C ASN B 54 4.13 -14.62 -30.28
N LEU B 55 3.81 -14.79 -28.99
CA LEU B 55 3.57 -13.66 -28.08
C LEU B 55 4.75 -13.33 -27.17
N ILE B 56 5.73 -14.21 -27.11
CA ILE B 56 6.85 -14.05 -26.17
C ILE B 56 7.72 -12.87 -26.57
N ALA B 57 7.99 -12.00 -25.60
CA ALA B 57 8.66 -10.72 -25.85
C ALA B 57 10.09 -10.64 -25.33
N ASP B 58 10.94 -10.01 -26.15
CA ASP B 58 12.25 -9.49 -25.74
C ASP B 58 11.99 -8.03 -25.36
N LEU B 59 12.07 -7.71 -24.06
CA LEU B 59 11.73 -6.35 -23.60
C LEU B 59 12.80 -5.33 -23.98
N GLY B 60 13.98 -5.83 -24.35
CA GLY B 60 15.08 -4.97 -24.80
C GLY B 60 15.59 -4.04 -23.70
N ILE B 61 15.57 -4.52 -22.47
CA ILE B 61 16.10 -3.78 -21.32
C ILE B 61 17.21 -4.60 -20.64
N GLU B 62 18.29 -3.92 -20.27
CA GLU B 62 19.39 -4.53 -19.52
C GLU B 62 19.71 -3.68 -18.29
N PHE B 63 20.39 -4.28 -17.31
CA PHE B 63 20.65 -3.66 -16.01
C PHE B 63 22.12 -3.77 -15.65
N PHE B 64 22.64 -2.77 -14.95
CA PHE B 64 24.01 -2.84 -14.45
C PHE B 64 24.10 -2.18 -13.09
N LEU B 65 24.95 -2.73 -12.23
CA LEU B 65 25.24 -2.07 -10.97
C LEU B 65 25.97 -0.76 -11.28
N ALA B 66 25.44 0.32 -10.74
CA ALA B 66 26.01 1.66 -10.98
C ALA B 66 27.51 1.68 -10.64
N THR B 67 28.27 2.44 -11.41
CA THR B 67 29.69 2.62 -11.14
C THR B 67 29.97 4.04 -10.61
N LYS B 68 28.99 4.92 -10.78
CA LYS B 68 29.08 6.28 -10.22
C LYS B 68 27.90 6.54 -9.30
N ASP B 69 28.19 7.08 -8.11
CA ASP B 69 27.14 7.41 -7.15
C ASP B 69 26.51 8.77 -7.50
N PRO B 70 25.46 9.21 -6.76
CA PRO B 70 24.78 10.48 -7.08
C PRO B 70 25.66 11.74 -7.06
N ASN B 71 26.83 11.65 -6.44
CA ASN B 71 27.77 12.77 -6.39
C ASN B 71 28.87 12.68 -7.44
N GLY B 72 28.94 11.55 -8.13
CA GLY B 72 29.91 11.34 -9.19
C GLY B 72 31.15 10.61 -8.72
N ASN B 73 31.12 10.11 -7.49
CA ASN B 73 32.21 9.31 -6.95
C ASN B 73 32.01 7.84 -7.30
N GLN B 74 33.11 7.08 -7.34
CA GLN B 74 33.04 5.65 -7.65
C GLN B 74 32.19 4.90 -6.63
N THR B 75 31.42 3.94 -7.12
CA THR B 75 30.62 3.07 -6.29
C THR B 75 30.68 1.66 -6.85
N THR B 76 30.47 0.67 -5.98
CA THR B 76 30.23 -0.71 -6.43
C THR B 76 28.78 -0.91 -6.84
N GLY B 77 27.93 0.10 -6.58
CA GLY B 77 26.50 -0.03 -6.88
C GLY B 77 25.75 -0.83 -5.81
N ILE B 78 26.41 -1.07 -4.69
CA ILE B 78 25.82 -1.77 -3.54
C ILE B 78 26.11 -0.94 -2.28
N THR B 79 25.05 -0.51 -1.59
CA THR B 79 25.19 0.07 -0.24
C THR B 79 24.85 -1.01 0.80
N ARG B 80 25.49 -0.94 1.96
CA ARG B 80 25.23 -1.89 3.04
C ARG B 80 24.98 -1.12 4.33
N THR B 81 23.80 -1.33 4.91
CA THR B 81 23.38 -0.57 6.08
C THR B 81 22.95 -1.49 7.21
N GLN B 82 23.63 -1.39 8.35
CA GLN B 82 23.25 -2.14 9.54
C GLN B 82 22.03 -1.49 10.17
N THR B 83 21.14 -2.31 10.71
CA THR B 83 19.90 -1.84 11.33
C THR B 83 19.57 -2.68 12.58
N SER B 84 18.85 -2.06 13.52
CA SER B 84 18.29 -2.80 14.66
C SER B 84 16.86 -3.28 14.37
N VAL B 85 16.30 -2.82 13.27
CA VAL B 85 14.95 -3.22 12.85
C VAL B 85 14.96 -4.67 12.41
N THR B 86 13.97 -5.45 12.87
CA THR B 86 13.93 -6.90 12.59
C THR B 86 12.96 -7.26 11.47
N PHE B 87 12.08 -6.34 11.09
CA PHE B 87 11.22 -6.53 9.92
C PHE B 87 10.76 -5.20 9.33
N PHE B 88 10.55 -5.20 8.02
CA PHE B 88 10.05 -4.03 7.32
C PHE B 88 8.69 -4.34 6.72
N THR B 89 7.94 -3.30 6.37
CA THR B 89 6.61 -3.47 5.81
C THR B 89 6.46 -2.68 4.53
N THR B 90 5.28 -2.80 3.93
CA THR B 90 4.93 -2.06 2.74
C THR B 90 4.75 -0.57 3.01
N SER B 91 4.90 -0.15 4.26
CA SER B 91 4.86 1.27 4.64
C SER B 91 6.14 2.03 4.29
N ASP B 92 7.13 1.31 3.76
CA ASP B 92 8.36 1.90 3.23
C ASP B 92 9.40 2.29 4.28
N GLU B 93 9.39 1.65 5.45
CA GLU B 93 10.41 1.94 6.48
C GLU B 93 11.82 1.70 5.94
N VAL B 94 11.96 0.76 5.00
CA VAL B 94 13.30 0.36 4.52
C VAL B 94 13.92 1.44 3.60
N LYS B 95 13.10 2.38 3.14
CA LYS B 95 13.52 3.40 2.17
C LYS B 95 13.94 4.73 2.81
N PHE B 96 14.00 4.76 4.15
CA PHE B 96 14.43 5.96 4.89
C PHE B 96 15.43 5.56 5.97
N ALA B 97 16.56 6.26 6.02
CA ALA B 97 17.54 6.00 7.09
C ALA B 97 16.91 6.25 8.46
N SER B 98 16.03 7.24 8.53
CA SER B 98 15.39 7.67 9.78
C SER B 98 14.54 6.56 10.42
N SER B 99 13.99 5.69 9.59
CA SER B 99 13.20 4.55 10.07
C SER B 99 13.98 3.23 10.05
N GLY B 100 15.31 3.34 10.08
CA GLY B 100 16.18 2.16 10.15
C GLY B 100 16.48 1.50 8.82
N GLY B 101 16.22 2.22 7.72
CA GLY B 101 16.52 1.70 6.37
C GLY B 101 17.65 2.47 5.70
N GLU B 102 17.48 2.73 4.40
CA GLU B 102 18.46 3.46 3.60
C GLU B 102 17.76 4.37 2.59
N ASP B 103 18.20 5.62 2.54
CA ASP B 103 17.62 6.61 1.63
C ASP B 103 17.76 6.20 0.17
N ALA B 104 16.73 6.49 -0.62
CA ALA B 104 16.77 6.26 -2.07
C ALA B 104 17.79 7.17 -2.74
N TRP B 105 18.44 6.65 -3.79
CA TRP B 105 19.19 7.49 -4.73
C TRP B 105 18.20 8.12 -5.74
N PRO B 106 18.61 9.20 -6.44
CA PRO B 106 17.69 9.89 -7.35
C PRO B 106 17.01 8.92 -8.32
N ALA B 107 15.68 8.92 -8.27
CA ALA B 107 14.84 7.94 -8.97
C ALA B 107 14.88 8.11 -10.48
N ASP B 108 15.29 9.29 -10.94
CA ASP B 108 15.38 9.58 -12.37
C ASP B 108 16.69 9.09 -13.00
N ARG B 109 17.61 8.62 -12.16
CA ARG B 109 18.94 8.18 -12.60
C ARG B 109 19.29 6.73 -12.23
N TYR B 110 18.63 6.19 -11.21
CA TYR B 110 18.87 4.83 -10.73
C TYR B 110 17.57 4.06 -10.46
N LEU B 111 17.60 2.76 -10.72
CA LEU B 111 16.62 1.85 -10.13
C LEU B 111 17.12 1.44 -8.74
N ASN B 112 16.38 1.88 -7.71
CA ASN B 112 16.67 1.51 -6.33
C ASN B 112 16.07 0.14 -6.03
N ILE B 113 16.91 -0.78 -5.57
CA ILE B 113 16.46 -2.09 -5.11
C ILE B 113 16.91 -2.23 -3.65
N TRP B 114 15.95 -2.39 -2.74
CA TRP B 114 16.28 -2.64 -1.33
C TRP B 114 16.19 -4.13 -1.06
N VAL B 115 17.10 -4.62 -0.24
CA VAL B 115 17.08 -6.02 0.18
C VAL B 115 17.10 -6.08 1.72
N CYS B 116 16.10 -6.73 2.30
CA CYS B 116 16.01 -6.89 3.76
C CYS B 116 15.60 -8.33 4.08
N HIS B 117 15.63 -8.70 5.36
CA HIS B 117 15.40 -10.09 5.73
C HIS B 117 13.93 -10.50 5.82
N VAL B 118 13.09 -9.63 6.38
CA VAL B 118 11.66 -9.94 6.59
C VAL B 118 10.80 -8.77 6.11
N LEU B 119 9.81 -9.08 5.28
CA LEU B 119 8.83 -8.12 4.79
C LEU B 119 7.42 -8.60 5.10
N LYS B 120 6.59 -7.66 5.55
CA LYS B 120 5.19 -7.94 5.82
C LYS B 120 4.28 -6.90 5.17
N SER B 121 3.04 -7.28 4.88
CA SER B 121 2.04 -6.30 4.52
C SER B 121 1.62 -5.51 5.76
N GLU B 122 0.81 -4.48 5.56
CA GLU B 122 0.19 -3.69 6.63
C GLU B 122 -0.52 -4.51 7.69
N ILE B 123 -1.16 -5.59 7.25
CA ILE B 123 -1.94 -6.45 8.17
C ILE B 123 -1.18 -7.72 8.61
N GLY B 124 0.11 -7.78 8.31
CA GLY B 124 1.00 -8.80 8.88
C GLY B 124 1.22 -10.05 8.05
N GLN B 125 0.86 -10.00 6.77
CA GLN B 125 1.07 -11.13 5.87
C GLN B 125 2.53 -11.14 5.41
N ASP B 126 3.14 -12.32 5.40
CA ASP B 126 4.51 -12.42 4.92
C ASP B 126 4.57 -12.27 3.40
N ILE B 127 5.46 -11.41 2.94
CA ILE B 127 5.64 -11.20 1.51
C ILE B 127 7.10 -11.29 1.12
N LEU B 128 7.34 -11.59 -0.15
CA LEU B 128 8.68 -11.72 -0.71
C LEU B 128 9.20 -10.41 -1.32
N GLY B 129 8.28 -9.54 -1.73
CA GLY B 129 8.70 -8.28 -2.33
C GLY B 129 7.55 -7.37 -2.67
N TYR B 130 7.86 -6.09 -2.94
CA TYR B 130 6.85 -5.13 -3.43
C TYR B 130 7.50 -3.97 -4.20
N ALA B 131 6.71 -3.38 -5.10
CA ALA B 131 7.18 -2.34 -6.00
C ALA B 131 6.41 -1.03 -5.79
N GLN B 132 6.97 0.07 -6.28
CA GLN B 132 6.21 1.30 -6.47
C GLN B 132 6.04 1.50 -7.97
N PHE B 133 4.81 1.78 -8.40
CA PHE B 133 4.49 2.05 -9.79
C PHE B 133 5.00 3.44 -10.19
N PRO B 134 5.14 3.68 -11.52
CA PRO B 134 5.63 4.99 -11.96
C PRO B 134 4.75 6.16 -11.50
N GLY B 135 5.32 7.36 -11.42
CA GLY B 135 4.56 8.57 -11.08
C GLY B 135 4.56 8.93 -9.60
N GLY B 136 5.05 8.03 -8.76
CA GLY B 136 4.99 8.17 -7.29
C GLY B 136 6.10 9.06 -6.83
N PRO B 137 6.20 9.31 -5.52
CA PRO B 137 7.27 10.20 -5.08
C PRO B 137 8.63 9.53 -5.23
N ALA B 138 9.63 10.33 -5.62
CA ALA B 138 10.97 9.83 -5.88
C ALA B 138 11.58 9.16 -4.64
N GLU B 139 11.21 9.70 -3.47
CA GLU B 139 11.76 9.23 -2.19
C GLU B 139 11.53 7.74 -1.95
N THR B 140 10.44 7.20 -2.49
CA THR B 140 10.08 5.81 -2.27
C THR B 140 10.06 4.96 -3.55
N ASP B 141 10.57 5.53 -4.64
CA ASP B 141 10.56 4.86 -5.94
C ASP B 141 11.55 3.71 -5.98
N GLY B 142 11.10 2.55 -6.48
CA GLY B 142 11.95 1.37 -6.64
C GLY B 142 11.26 0.10 -6.22
N VAL B 143 12.06 -0.93 -5.92
CA VAL B 143 11.53 -2.24 -5.53
C VAL B 143 12.24 -2.78 -4.27
N VAL B 144 11.54 -3.64 -3.53
CA VAL B 144 12.07 -4.26 -2.30
C VAL B 144 11.88 -5.77 -2.45
N ILE B 145 12.92 -6.53 -2.14
CA ILE B 145 12.89 -8.00 -2.20
C ILE B 145 13.57 -8.55 -0.94
N VAL B 146 13.02 -9.62 -0.37
CA VAL B 146 13.68 -10.28 0.78
C VAL B 146 14.91 -11.09 0.34
N ASP B 147 15.94 -11.10 1.19
CA ASP B 147 17.20 -11.74 0.82
C ASP B 147 17.09 -13.23 0.43
N ALA B 148 16.20 -13.96 1.10
CA ALA B 148 15.98 -15.38 0.77
C ALA B 148 15.28 -15.57 -0.60
N ALA B 149 14.84 -14.49 -1.21
CA ALA B 149 14.21 -14.54 -2.53
C ALA B 149 14.97 -13.68 -3.54
N PHE B 150 16.24 -13.41 -3.25
CA PHE B 150 17.07 -12.52 -4.07
C PHE B 150 18.28 -13.31 -4.58
N GLY B 151 18.42 -13.38 -5.90
CA GLY B 151 19.52 -14.09 -6.52
C GLY B 151 19.38 -15.60 -6.48
N THR B 152 20.44 -16.31 -6.84
CA THR B 152 20.37 -17.74 -7.09
C THR B 152 21.40 -18.54 -6.29
N THR B 153 22.06 -17.88 -5.34
CA THR B 153 23.05 -18.52 -4.47
C THR B 153 22.96 -17.88 -3.08
N GLY B 154 23.91 -18.18 -2.20
CA GLY B 154 23.92 -17.62 -0.84
C GLY B 154 22.67 -18.00 -0.06
N THR B 155 21.96 -16.98 0.43
CA THR B 155 20.77 -17.19 1.27
C THR B 155 19.48 -17.53 0.49
N ALA B 156 19.53 -17.47 -0.84
CA ALA B 156 18.34 -17.76 -1.64
C ALA B 156 17.84 -19.18 -1.42
N LEU B 157 16.53 -19.32 -1.23
CA LEU B 157 15.93 -20.64 -0.96
C LEU B 157 14.80 -21.00 -1.91
N PRO B 158 14.72 -22.28 -2.31
CA PRO B 158 13.61 -22.76 -3.13
C PRO B 158 12.29 -22.63 -2.36
N PRO B 159 11.17 -22.41 -3.06
CA PRO B 159 11.03 -22.32 -4.52
C PRO B 159 11.27 -20.92 -5.10
N PHE B 160 11.82 -20.03 -4.29
CA PHE B 160 12.08 -18.66 -4.74
C PHE B 160 13.58 -18.35 -4.87
N ASP B 161 14.27 -19.26 -5.55
CA ASP B 161 15.71 -19.24 -5.70
C ASP B 161 16.16 -19.12 -7.17
N LYS B 162 15.27 -18.65 -8.03
CA LYS B 162 15.61 -18.42 -9.46
C LYS B 162 15.60 -16.94 -9.86
N GLY B 163 15.43 -16.07 -8.87
CA GLY B 163 15.54 -14.63 -9.09
C GLY B 163 14.31 -13.96 -9.69
N ARG B 164 13.17 -14.66 -9.64
CA ARG B 164 11.97 -14.17 -10.31
C ARG B 164 11.14 -13.16 -9.53
N THR B 165 11.33 -13.11 -8.21
CA THR B 165 10.65 -12.09 -7.41
C THR B 165 11.02 -10.70 -7.94
N ALA B 166 12.32 -10.46 -8.14
CA ALA B 166 12.77 -9.17 -8.67
C ALA B 166 12.25 -8.89 -10.07
N THR B 167 12.19 -9.92 -10.91
CA THR B 167 11.64 -9.78 -12.27
C THR B 167 10.18 -9.30 -12.20
N HIS B 168 9.38 -9.97 -11.38
CA HIS B 168 7.99 -9.63 -11.11
C HIS B 168 7.87 -8.16 -10.62
N GLU B 169 8.67 -7.80 -9.61
CA GLU B 169 8.61 -6.45 -9.03
C GLU B 169 9.02 -5.37 -10.01
N ILE B 170 10.06 -5.64 -10.80
CA ILE B 170 10.53 -4.68 -11.80
C ILE B 170 9.51 -4.55 -12.94
N GLY B 171 8.75 -5.61 -13.20
CA GLY B 171 7.59 -5.54 -14.09
C GLY B 171 6.59 -4.48 -13.62
N HIS B 172 6.29 -4.47 -12.31
CA HIS B 172 5.43 -3.43 -11.71
C HIS B 172 6.08 -2.03 -11.84
N TRP B 173 7.38 -1.95 -11.55
CA TRP B 173 8.14 -0.69 -11.68
C TRP B 173 8.02 -0.11 -13.09
N LEU B 174 7.94 -0.99 -14.08
CA LEU B 174 7.78 -0.61 -15.49
C LEU B 174 6.31 -0.53 -15.91
N ASN B 175 5.40 -0.48 -14.93
CA ASN B 175 3.97 -0.24 -15.16
C ASN B 175 3.12 -1.46 -15.56
N LEU B 176 3.59 -2.67 -15.25
CA LEU B 176 2.77 -3.85 -15.51
C LEU B 176 1.97 -4.28 -14.29
N TYR B 177 0.72 -4.67 -14.52
CA TYR B 177 -0.18 -5.05 -13.43
C TYR B 177 -0.35 -6.57 -13.37
N HIS B 178 -0.76 -7.08 -12.20
CA HIS B 178 -1.04 -8.50 -12.02
C HIS B 178 -1.96 -8.98 -13.14
N ILE B 179 -1.60 -10.11 -13.75
CA ILE B 179 -2.27 -10.61 -14.95
C ILE B 179 -3.79 -10.87 -14.76
N TRP B 180 -4.19 -11.22 -13.54
CA TRP B 180 -5.60 -11.56 -13.26
C TRP B 180 -6.49 -10.35 -12.94
N GLY B 181 -5.92 -9.14 -12.88
CA GLY B 181 -6.74 -7.92 -12.75
C GLY B 181 -7.01 -7.37 -11.34
N ASP B 182 -6.55 -8.09 -10.31
CA ASP B 182 -6.59 -7.60 -8.90
C ASP B 182 -7.99 -7.30 -8.36
N GLU B 183 -8.96 -8.17 -8.64
CA GLU B 183 -10.30 -7.97 -8.10
C GLU B 183 -10.27 -8.04 -6.57
N LEU B 184 -11.16 -7.28 -5.95
CA LEU B 184 -11.40 -7.38 -4.52
C LEU B 184 -12.30 -8.59 -4.26
N ARG B 185 -12.24 -9.10 -3.02
CA ARG B 185 -12.89 -10.35 -2.61
C ARG B 185 -14.32 -10.52 -3.11
N PHE B 186 -15.08 -9.44 -3.06
CA PHE B 186 -16.51 -9.46 -3.34
C PHE B 186 -16.88 -9.23 -4.81
N GLU B 187 -15.87 -8.89 -5.64
CA GLU B 187 -16.11 -8.57 -7.05
C GLU B 187 -16.11 -9.81 -7.95
N ASP B 188 -16.81 -9.75 -9.08
CA ASP B 188 -16.75 -10.80 -10.09
C ASP B 188 -15.29 -10.99 -10.51
N PRO B 189 -14.76 -12.21 -10.34
CA PRO B 189 -13.35 -12.52 -10.64
C PRO B 189 -12.95 -12.36 -12.10
N CYS B 190 -13.93 -12.17 -12.99
CA CYS B 190 -13.66 -11.99 -14.41
C CYS B 190 -13.80 -10.54 -14.90
N SER B 191 -14.04 -9.62 -13.96
CA SER B 191 -14.45 -8.26 -14.31
C SER B 191 -13.33 -7.26 -14.54
N ARG B 192 -12.14 -7.51 -13.99
CA ARG B 192 -11.02 -6.55 -14.09
C ARG B 192 -9.94 -6.92 -15.10
N SER B 193 -9.30 -5.88 -15.66
CA SER B 193 -8.35 -6.03 -16.76
C SER B 193 -6.93 -5.61 -16.33
N ASP B 194 -5.93 -6.32 -16.84
CA ASP B 194 -4.53 -5.90 -16.66
C ASP B 194 -4.08 -4.92 -17.76
N GLU B 195 -5.04 -4.48 -18.57
CA GLU B 195 -4.85 -3.53 -19.67
C GLU B 195 -3.94 -4.03 -20.81
N VAL B 196 -3.81 -5.34 -20.90
CA VAL B 196 -3.01 -5.97 -21.95
C VAL B 196 -3.88 -6.97 -22.70
N ASP B 197 -4.11 -6.71 -23.99
CA ASP B 197 -5.00 -7.52 -24.82
C ASP B 197 -4.54 -8.97 -24.96
N ASP B 198 -3.24 -9.19 -25.13
CA ASP B 198 -2.72 -10.52 -25.44
C ASP B 198 -2.47 -11.41 -24.21
N THR B 199 -2.76 -10.89 -23.02
CA THR B 199 -2.83 -11.72 -21.82
C THR B 199 -4.30 -12.09 -21.63
N PRO B 200 -4.61 -13.40 -21.69
CA PRO B 200 -6.00 -13.88 -21.58
C PRO B 200 -6.69 -13.35 -20.33
N ASN B 201 -7.99 -13.08 -20.43
CA ASN B 201 -8.75 -12.70 -19.24
C ASN B 201 -8.68 -13.85 -18.23
N GLN B 202 -8.34 -13.53 -16.99
CA GLN B 202 -8.03 -14.53 -15.97
C GLN B 202 -8.75 -14.23 -14.65
N ALA B 203 -9.32 -15.25 -14.04
CA ALA B 203 -10.03 -15.08 -12.77
C ALA B 203 -9.10 -14.62 -11.65
N ASP B 204 -8.32 -15.56 -11.13
CA ASP B 204 -7.57 -15.37 -9.91
C ASP B 204 -6.07 -15.60 -10.16
N PRO B 205 -5.21 -15.19 -9.20
CA PRO B 205 -3.81 -15.57 -9.30
C PRO B 205 -3.64 -17.09 -9.28
N ASN B 206 -2.60 -17.58 -9.95
CA ASN B 206 -2.19 -18.97 -9.85
C ASN B 206 -0.96 -19.10 -8.96
N PHE B 207 -0.90 -20.19 -8.20
CA PHE B 207 0.19 -20.42 -7.27
C PHE B 207 0.88 -21.76 -7.58
N GLY B 208 2.09 -21.93 -7.04
CA GLY B 208 2.81 -23.18 -7.19
C GLY B 208 3.15 -23.49 -8.63
N ALA B 209 2.89 -24.73 -9.04
CA ALA B 209 3.20 -25.20 -10.39
C ALA B 209 1.97 -25.80 -11.08
N PRO B 210 1.09 -24.95 -11.63
CA PRO B 210 -0.11 -25.44 -12.31
C PRO B 210 0.27 -26.27 -13.55
N SER B 211 -0.65 -27.14 -13.97
CA SER B 211 -0.52 -27.84 -15.24
C SER B 211 -1.17 -27.03 -16.36
N TYR B 212 -0.60 -27.11 -17.56
CA TYR B 212 -1.22 -26.52 -18.72
C TYR B 212 -2.22 -27.50 -19.31
N PRO B 213 -3.45 -27.04 -19.63
CA PRO B 213 -4.01 -25.69 -19.42
C PRO B 213 -4.73 -25.49 -18.09
N HIS B 214 -4.74 -24.25 -17.62
CA HIS B 214 -5.55 -23.85 -16.47
C HIS B 214 -6.59 -22.83 -16.90
N VAL B 215 -7.77 -23.31 -17.26
CA VAL B 215 -8.82 -22.46 -17.80
C VAL B 215 -9.58 -21.72 -16.70
N SER B 216 -9.81 -20.43 -16.93
CA SER B 216 -10.70 -19.63 -16.09
C SER B 216 -11.38 -18.59 -16.98
N CYS B 217 -12.45 -17.98 -16.50
CA CYS B 217 -13.16 -16.91 -17.24
C CYS B 217 -13.44 -17.22 -18.71
N SER B 218 -13.80 -18.48 -18.98
CA SER B 218 -14.08 -18.95 -20.34
C SER B 218 -12.97 -18.63 -21.34
N ASN B 219 -11.71 -18.77 -20.92
CA ASN B 219 -10.57 -18.51 -21.80
C ASN B 219 -9.99 -19.80 -22.42
N GLY B 220 -10.79 -20.85 -22.44
CA GLY B 220 -10.36 -22.12 -23.04
C GLY B 220 -10.28 -21.99 -24.56
N PRO B 221 -9.57 -22.92 -25.22
CA PRO B 221 -8.89 -24.08 -24.65
C PRO B 221 -7.49 -23.84 -24.06
N ASN B 222 -6.84 -22.73 -24.40
CA ASN B 222 -5.46 -22.47 -23.94
C ASN B 222 -5.38 -22.11 -22.45
N GLY B 223 -6.38 -21.39 -21.94
CA GLY B 223 -6.44 -21.06 -20.51
C GLY B 223 -5.60 -19.87 -20.06
N ASP B 224 -5.35 -19.80 -18.75
CA ASP B 224 -4.55 -18.75 -18.13
C ASP B 224 -3.08 -18.83 -18.58
N MET B 225 -2.49 -17.68 -18.84
CA MET B 225 -1.07 -17.58 -19.12
C MET B 225 -0.30 -17.52 -17.79
N PHE B 226 -0.33 -18.63 -17.04
CA PHE B 226 0.19 -18.66 -15.66
C PHE B 226 1.72 -18.65 -15.59
N MET B 227 2.37 -18.84 -16.75
CA MET B 227 3.83 -18.80 -16.83
C MET B 227 4.37 -17.39 -17.12
N ASN B 228 3.45 -16.42 -17.14
CA ASN B 228 3.81 -15.01 -17.19
C ASN B 228 4.43 -14.56 -15.86
N TYR B 229 5.41 -13.66 -15.92
CA TYR B 229 6.05 -13.13 -14.72
C TYR B 229 5.07 -12.39 -13.79
N MET B 230 3.97 -11.89 -14.34
CA MET B 230 3.02 -11.11 -13.56
C MET B 230 1.87 -11.93 -12.94
N ASP B 231 2.01 -13.26 -12.98
CA ASP B 231 1.18 -14.14 -12.16
C ASP B 231 1.89 -14.41 -10.82
N TYR B 232 1.39 -15.37 -10.04
CA TYR B 232 1.92 -15.63 -8.70
C TYR B 232 2.54 -17.03 -8.54
N VAL B 233 2.90 -17.66 -9.66
CA VAL B 233 3.46 -19.02 -9.62
C VAL B 233 4.91 -19.06 -9.10
N ASP B 234 5.39 -20.25 -8.73
CA ASP B 234 6.78 -20.45 -8.30
C ASP B 234 7.78 -19.95 -9.35
N ASP B 235 8.95 -19.52 -8.90
CA ASP B 235 10.04 -19.02 -9.77
C ASP B 235 10.25 -19.88 -11.01
N LYS B 236 10.34 -21.19 -10.81
CA LYS B 236 10.65 -22.13 -11.89
C LYS B 236 9.58 -22.16 -12.98
N MET B 238 7.49 -19.27 -13.85
CA MET B 238 7.30 -18.00 -14.57
C MET B 238 8.51 -17.67 -15.43
N VAL B 239 8.27 -17.54 -16.73
CA VAL B 239 9.37 -17.53 -17.71
C VAL B 239 9.19 -16.58 -18.91
N MET B 240 8.16 -15.72 -18.88
CA MET B 240 7.90 -14.86 -20.05
C MET B 240 7.12 -13.59 -19.75
N PHE B 241 7.40 -12.57 -20.57
CA PHE B 241 6.53 -11.42 -20.75
C PHE B 241 5.92 -11.56 -22.14
N THR B 242 4.78 -10.90 -22.37
CA THR B 242 4.18 -10.86 -23.71
C THR B 242 4.52 -9.58 -24.47
N GLN B 243 4.29 -9.58 -25.78
CA GLN B 243 4.49 -8.38 -26.60
C GLN B 243 3.57 -7.23 -26.18
N GLY B 244 2.36 -7.55 -25.75
CA GLY B 244 1.41 -6.54 -25.25
C GLY B 244 1.93 -5.86 -24.00
N GLN B 245 2.62 -6.63 -23.16
CA GLN B 245 3.26 -6.08 -21.96
C GLN B 245 4.49 -5.21 -22.32
N ALA B 246 5.25 -5.65 -23.33
CA ALA B 246 6.37 -4.86 -23.87
C ALA B 246 5.92 -3.47 -24.34
N THR B 247 4.73 -3.41 -24.94
CA THR B 247 4.13 -2.15 -25.36
C THR B 247 3.91 -1.19 -24.18
N ARG B 248 3.24 -1.69 -23.13
CA ARG B 248 3.02 -0.91 -21.91
C ARG B 248 4.33 -0.40 -21.32
N VAL B 249 5.32 -1.30 -21.25
CA VAL B 249 6.65 -0.97 -20.73
C VAL B 249 7.33 0.14 -21.54
N ASN B 250 7.22 0.06 -22.87
CA ASN B 250 7.81 1.05 -23.76
C ASN B 250 7.18 2.41 -23.55
N ALA B 251 5.87 2.42 -23.31
CA ALA B 251 5.14 3.64 -23.01
C ALA B 251 5.60 4.25 -21.67
N CYS B 252 5.96 3.39 -20.73
CA CYS B 252 6.48 3.85 -19.44
C CYS B 252 7.83 4.52 -19.62
N LEU B 253 8.72 3.89 -20.39
CA LEU B 253 10.04 4.46 -20.69
C LEU B 253 9.96 5.68 -21.59
N ASP B 254 8.94 5.76 -22.44
CA ASP B 254 8.74 6.92 -23.31
C ASP B 254 8.08 8.09 -22.57
N GLY B 255 7.44 7.79 -21.45
CA GLY B 255 6.70 8.79 -20.68
C GLY B 255 7.30 9.07 -19.32
N PRO B 256 6.70 8.51 -18.25
CA PRO B 256 7.10 8.83 -16.88
C PRO B 256 8.58 8.54 -16.56
N ARG B 257 9.16 7.53 -17.21
CA ARG B 257 10.56 7.16 -16.94
C ARG B 257 11.50 7.44 -18.12
N SER B 258 11.17 8.44 -18.94
CA SER B 258 11.98 8.81 -20.10
C SER B 258 13.40 9.26 -19.76
N SER B 259 13.63 9.62 -18.50
CA SER B 259 14.96 10.04 -18.05
C SER B 259 16.00 8.94 -18.30
N PHE B 260 15.54 7.69 -18.34
CA PHE B 260 16.41 6.53 -18.58
C PHE B 260 16.76 6.31 -20.06
N LEU B 261 16.10 7.03 -20.97
CA LEU B 261 16.38 6.89 -22.40
C LEU B 261 17.70 7.57 -22.80
#